data_3UW0
#
_entry.id   3UW0
#
_cell.length_a   170.640
_cell.length_b   170.640
_cell.length_c   170.640
_cell.angle_alpha   90.00
_cell.angle_beta   90.00
_cell.angle_gamma   90.00
#
_symmetry.space_group_name_H-M   'P 43 3 2'
#
loop_
_entity.id
_entity.type
_entity.pdbx_description
1 polymer pectinesterase
2 water water
#
_entity_poly.entity_id   1
_entity_poly.type   'polypeptide(L)'
_entity_poly.pdbx_seq_one_letter_code
;GSHMPINLLGKTLWLGLISFAVLGTVNAAQYNAVVSTTPQGDEFSSINAALKSAPKDDTPFIIFLKNGVYTERLEVARSH
VTLKGENRDGTVIGANTAAGMLNPQGEKWGTSGSSTVLVNAPNFTAENLTIRNDFDFPANKKKADTDPTKLKDTQAVALL
LAENSDKARFKAVKLEGYQDTLYSKTGSRSYFSDCEISGHVDFIFGSGITVFDNCNIVARDRSDIEPPYGYITAPSTLTT
SPYGLIFINSRLTKEPGVPANSFALGRPWHPTTTFADGRYADPAAIGQSVFINTTMDDHIYGWDKMSGKDKQGEKIWFYP
QDSRFFEANSQGPGAAINEGRRQLSAEQLKAFTLPMIFPDWAVH
;
_entity_poly.pdbx_strand_id   A
#
# COMPACT_ATOMS: atom_id res chain seq x y z
N PHE A 44 -0.64 19.42 -23.77
CA PHE A 44 -0.17 19.70 -22.38
C PHE A 44 1.24 19.18 -22.10
N SER A 45 1.97 19.93 -21.29
CA SER A 45 3.36 19.61 -20.96
C SER A 45 3.48 18.45 -19.98
N SER A 46 2.70 18.51 -18.90
CA SER A 46 2.81 17.55 -17.80
C SER A 46 1.46 17.29 -17.12
N ILE A 47 1.39 16.18 -16.37
CA ILE A 47 0.19 15.77 -15.65
C ILE A 47 -0.25 16.86 -14.66
N ASN A 48 0.71 17.54 -14.07
CA ASN A 48 0.47 18.61 -13.10
C ASN A 48 -0.06 19.89 -13.76
N ALA A 49 0.44 20.17 -14.97
CA ALA A 49 -0.01 21.32 -15.75
C ALA A 49 -1.48 21.17 -16.15
N ALA A 50 -1.89 19.93 -16.42
CA ALA A 50 -3.28 19.64 -16.77
C ALA A 50 -4.18 19.77 -15.54
N LEU A 51 -3.73 19.25 -14.40
CA LEU A 51 -4.48 19.33 -13.15
C LEU A 51 -4.60 20.77 -12.67
N LYS A 52 -3.53 21.55 -12.84
CA LYS A 52 -3.50 22.95 -12.41
C LYS A 52 -4.40 23.84 -13.27
N SER A 53 -4.56 23.48 -14.54
CA SER A 53 -5.36 24.28 -15.48
C SER A 53 -6.86 24.04 -15.34
N ALA A 54 -7.23 22.90 -14.75
CA ALA A 54 -8.63 22.53 -14.55
C ALA A 54 -9.37 23.57 -13.71
N PRO A 55 -10.67 23.81 -14.03
CA PRO A 55 -11.50 24.79 -13.32
C PRO A 55 -11.64 24.47 -11.82
N LYS A 56 -11.72 25.53 -11.00
CA LYS A 56 -11.70 25.39 -9.54
C LYS A 56 -12.99 24.81 -8.94
N ASP A 57 -13.92 24.38 -9.79
CA ASP A 57 -15.17 23.76 -9.34
C ASP A 57 -15.01 22.26 -9.08
N ASP A 58 -16.07 21.63 -8.57
CA ASP A 58 -16.07 20.19 -8.29
C ASP A 58 -16.69 19.39 -9.44
N THR A 59 -16.49 19.85 -10.67
CA THR A 59 -16.95 19.16 -11.87
C THR A 59 -15.93 18.11 -12.30
N PRO A 60 -16.39 17.01 -12.94
CA PRO A 60 -15.49 15.97 -13.45
C PRO A 60 -14.43 16.51 -14.40
N PHE A 61 -13.20 16.02 -14.28
CA PHE A 61 -12.10 16.42 -15.14
C PHE A 61 -11.27 15.21 -15.58
N ILE A 62 -11.25 14.97 -16.89
CA ILE A 62 -10.54 13.81 -17.45
C ILE A 62 -9.24 14.25 -18.11
N ILE A 63 -8.13 13.63 -17.69
CA ILE A 63 -6.82 13.87 -18.30
C ILE A 63 -6.33 12.58 -18.96
N PHE A 64 -6.25 12.59 -20.29
CA PHE A 64 -5.70 11.47 -21.02
C PHE A 64 -4.17 11.53 -20.96
N LEU A 65 -3.54 10.36 -20.96
CA LEU A 65 -2.09 10.26 -20.95
C LEU A 65 -1.61 9.30 -22.04
N LYS A 66 -1.01 9.85 -23.08
CA LYS A 66 -0.41 9.03 -24.13
C LYS A 66 0.82 8.31 -23.57
N ASN A 67 1.10 7.12 -24.08
CA ASN A 67 2.21 6.29 -23.60
C ASN A 67 3.53 7.03 -23.47
N GLY A 68 4.30 6.69 -22.44
CA GLY A 68 5.57 7.37 -22.15
C GLY A 68 5.83 7.47 -20.66
N VAL A 69 7.04 7.88 -20.30
CA VAL A 69 7.42 8.00 -18.89
C VAL A 69 7.34 9.46 -18.45
N TYR A 70 6.51 9.72 -17.44
CA TYR A 70 6.37 11.05 -16.87
C TYR A 70 7.03 11.14 -15.50
N THR A 71 8.30 11.50 -15.48
CA THR A 71 9.02 11.75 -14.23
C THR A 71 8.50 13.03 -13.60
N GLU A 72 7.50 12.87 -12.73
CA GLU A 72 6.76 13.97 -12.16
C GLU A 72 6.05 13.54 -10.88
N ARG A 73 5.98 14.44 -9.90
CA ARG A 73 5.26 14.19 -8.65
C ARG A 73 3.87 14.85 -8.69
N LEU A 74 2.93 14.26 -7.97
CA LEU A 74 1.55 14.77 -7.95
C LEU A 74 0.98 14.87 -6.54
N GLU A 75 0.21 15.93 -6.32
CA GLU A 75 -0.61 16.07 -5.12
C GLU A 75 -2.00 16.52 -5.54
N VAL A 76 -2.91 15.56 -5.65
CA VAL A 76 -4.26 15.83 -6.12
C VAL A 76 -5.12 16.44 -5.01
N ALA A 77 -5.48 17.71 -5.19
CA ALA A 77 -6.31 18.43 -4.25
C ALA A 77 -7.73 18.62 -4.80
N ARG A 78 -7.86 18.48 -6.11
CA ARG A 78 -9.12 18.67 -6.81
C ARG A 78 -9.92 17.36 -6.86
N SER A 79 -11.21 17.45 -6.58
CA SER A 79 -12.08 16.28 -6.60
C SER A 79 -12.48 15.89 -8.02
N HIS A 80 -12.92 14.64 -8.18
CA HIS A 80 -13.44 14.11 -9.45
C HIS A 80 -12.44 14.05 -10.57
N VAL A 81 -11.15 14.09 -10.24
CA VAL A 81 -10.08 14.02 -11.23
C VAL A 81 -9.86 12.57 -11.67
N THR A 82 -9.98 12.31 -12.96
CA THR A 82 -9.77 10.97 -13.51
C THR A 82 -8.56 10.97 -14.45
N LEU A 83 -7.62 10.07 -14.19
CA LEU A 83 -6.41 9.95 -15.01
C LEU A 83 -6.44 8.68 -15.85
N LYS A 84 -6.75 8.81 -17.13
CA LYS A 84 -6.77 7.67 -18.04
C LYS A 84 -5.54 7.68 -18.93
N GLY A 85 -4.78 6.59 -18.88
CA GLY A 85 -3.58 6.43 -19.70
C GLY A 85 -3.83 5.51 -20.87
N GLU A 86 -2.90 5.54 -21.84
CA GLU A 86 -3.02 4.75 -23.06
C GLU A 86 -2.84 3.26 -22.78
N ASN A 87 -1.85 2.92 -21.96
CA ASN A 87 -1.62 1.55 -21.53
C ASN A 87 -1.10 1.50 -20.10
N ARG A 88 -1.57 0.53 -19.33
CA ARG A 88 -1.19 0.42 -17.94
C ARG A 88 0.32 0.22 -17.76
N ASP A 89 0.95 -0.45 -18.73
CA ASP A 89 2.39 -0.68 -18.72
C ASP A 89 3.16 0.40 -19.48
N GLY A 90 2.54 0.93 -20.54
CA GLY A 90 3.17 1.93 -21.41
C GLY A 90 3.17 3.34 -20.86
N THR A 91 2.09 3.69 -20.16
CA THR A 91 1.97 5.00 -19.52
C THR A 91 2.48 4.92 -18.10
N VAL A 92 3.45 5.77 -17.75
CA VAL A 92 4.10 5.73 -16.45
C VAL A 92 4.25 7.11 -15.79
N ILE A 93 3.80 7.21 -14.55
CA ILE A 93 4.12 8.35 -13.69
C ILE A 93 5.09 7.85 -12.62
N GLY A 94 6.28 8.45 -12.56
CA GLY A 94 7.30 7.97 -11.63
C GLY A 94 8.38 8.97 -11.24
N ALA A 95 8.46 9.23 -9.94
CA ALA A 95 9.53 10.05 -9.38
C ALA A 95 10.38 9.22 -8.43
N ASN A 96 11.60 9.69 -8.16
CA ASN A 96 12.52 9.02 -7.23
C ASN A 96 12.56 9.74 -5.88
N THR A 97 11.88 9.18 -4.88
CA THR A 97 11.80 9.80 -3.56
C THR A 97 11.88 8.76 -2.44
N ALA A 98 12.96 8.82 -1.66
CA ALA A 98 13.11 7.97 -0.48
C ALA A 98 12.94 8.80 0.78
N ALA A 99 12.47 8.15 1.86
CA ALA A 99 12.22 8.82 3.13
C ALA A 99 13.47 9.49 3.69
N GLY A 100 14.62 8.85 3.49
CA GLY A 100 15.91 9.37 3.97
C GLY A 100 16.42 10.57 3.21
N MET A 101 15.97 10.73 1.96
CA MET A 101 16.36 11.86 1.11
C MET A 101 15.84 13.18 1.67
N LEU A 102 16.51 14.27 1.28
CA LEU A 102 16.17 15.60 1.77
C LEU A 102 15.45 16.42 0.71
N ASN A 103 14.39 17.12 1.12
CA ASN A 103 13.72 18.09 0.25
C ASN A 103 14.60 19.30 -0.01
N PRO A 104 14.21 20.20 -0.92
CA PRO A 104 15.09 21.35 -1.23
C PRO A 104 15.26 22.31 -0.05
N GLN A 105 14.69 21.97 1.10
CA GLN A 105 14.60 22.86 2.26
C GLN A 105 15.89 23.05 3.09
N GLY A 106 16.58 21.99 3.51
CA GLY A 106 16.26 20.61 3.20
C GLY A 106 16.36 19.66 4.38
N GLU A 107 15.20 19.26 4.89
CA GLU A 107 15.09 18.20 5.89
C GLU A 107 14.51 16.94 5.24
N LYS A 108 14.59 15.80 5.94
CA LYS A 108 14.16 14.51 5.39
C LYS A 108 12.72 14.49 4.88
N TRP A 109 12.51 13.81 3.75
CA TRP A 109 11.18 13.68 3.14
C TRP A 109 10.24 12.93 4.04
N GLY A 110 10.71 11.81 4.60
CA GLY A 110 9.86 10.94 5.40
C GLY A 110 8.97 10.08 4.52
N THR A 111 8.40 9.03 5.11
CA THR A 111 7.53 8.10 4.39
C THR A 111 6.34 8.81 3.74
N SER A 112 5.72 9.71 4.50
CA SER A 112 4.56 10.47 4.02
C SER A 112 4.94 11.47 2.93
N GLY A 113 6.19 11.92 2.95
CA GLY A 113 6.68 12.89 1.97
C GLY A 113 7.23 12.27 0.70
N SER A 114 7.37 10.95 0.70
CA SER A 114 8.04 10.22 -0.40
C SER A 114 7.11 9.81 -1.54
N SER A 115 5.83 10.15 -1.43
CA SER A 115 4.82 9.76 -2.41
C SER A 115 5.06 10.36 -3.79
N THR A 116 4.94 9.53 -4.82
CA THR A 116 4.97 10.00 -6.21
C THR A 116 3.62 10.63 -6.57
N VAL A 117 2.54 9.90 -6.31
CA VAL A 117 1.19 10.45 -6.45
C VAL A 117 0.48 10.45 -5.10
N LEU A 118 0.24 11.65 -4.58
CA LEU A 118 -0.45 11.84 -3.31
C LEU A 118 -1.88 12.31 -3.59
N VAL A 119 -2.82 11.41 -3.38
CA VAL A 119 -4.24 11.72 -3.57
C VAL A 119 -4.81 12.19 -2.24
N ASN A 120 -5.44 13.36 -2.26
CA ASN A 120 -6.07 13.92 -1.06
C ASN A 120 -7.39 14.62 -1.39
N ALA A 121 -8.18 13.98 -2.25
CA ALA A 121 -9.46 14.52 -2.71
C ALA A 121 -10.42 13.39 -3.07
N PRO A 122 -11.74 13.62 -2.89
CA PRO A 122 -12.71 12.57 -3.22
C PRO A 122 -12.88 12.34 -4.73
N ASN A 123 -13.34 11.14 -5.10
CA ASN A 123 -13.66 10.78 -6.48
C ASN A 123 -12.50 10.77 -7.49
N PHE A 124 -11.27 10.71 -6.98
CA PHE A 124 -10.12 10.53 -7.85
C PHE A 124 -10.12 9.10 -8.39
N THR A 125 -9.94 8.96 -9.69
CA THR A 125 -9.85 7.64 -10.31
C THR A 125 -8.66 7.56 -11.26
N ALA A 126 -8.01 6.40 -11.28
CA ALA A 126 -6.87 6.16 -12.18
C ALA A 126 -7.11 4.93 -13.05
N GLU A 127 -6.87 5.10 -14.34
CA GLU A 127 -7.22 4.09 -15.33
C GLU A 127 -6.08 3.87 -16.33
N ASN A 128 -5.63 2.61 -16.43
CA ASN A 128 -4.58 2.21 -17.38
C ASN A 128 -3.28 3.01 -17.34
N LEU A 129 -2.58 2.93 -16.21
CA LEU A 129 -1.27 3.58 -16.08
C LEU A 129 -0.47 3.00 -14.91
N THR A 130 0.84 3.20 -14.94
CA THR A 130 1.70 2.82 -13.84
C THR A 130 2.08 4.04 -13.01
N ILE A 131 1.90 3.92 -11.71
CA ILE A 131 2.48 4.86 -10.76
C ILE A 131 3.62 4.11 -10.07
N ARG A 132 4.82 4.67 -10.13
CA ARG A 132 5.98 4.00 -9.54
C ARG A 132 6.91 4.95 -8.79
N ASN A 133 7.68 4.39 -7.86
CA ASN A 133 8.75 5.13 -7.20
C ASN A 133 10.10 4.63 -7.72
N ASP A 134 10.85 5.54 -8.34
CA ASP A 134 12.08 5.19 -9.04
C ASP A 134 13.27 4.84 -8.12
N PHE A 135 13.03 4.83 -6.81
CA PHE A 135 14.09 4.52 -5.84
C PHE A 135 14.60 3.08 -6.00
N ASP A 136 15.91 2.95 -6.17
CA ASP A 136 16.54 1.65 -6.37
C ASP A 136 16.93 1.01 -5.03
N PHE A 137 15.94 0.42 -4.37
CA PHE A 137 16.13 -0.26 -3.07
C PHE A 137 17.28 -1.28 -3.08
N PRO A 138 17.29 -2.22 -4.06
CA PRO A 138 18.33 -3.24 -4.08
C PRO A 138 19.74 -2.65 -4.18
N ALA A 139 19.92 -1.66 -5.04
CA ALA A 139 21.22 -1.00 -5.23
C ALA A 139 21.67 -0.29 -3.96
N ASN A 140 20.72 0.34 -3.26
CA ASN A 140 21.03 1.02 -2.01
C ASN A 140 21.50 0.02 -0.95
N LYS A 141 20.85 -1.13 -0.87
CA LYS A 141 21.28 -2.18 0.03
C LYS A 141 22.60 -2.80 -0.40
N LYS A 142 22.88 -2.76 -1.70
CA LYS A 142 24.16 -3.23 -2.25
C LYS A 142 25.33 -2.33 -1.84
N LYS A 143 25.02 -1.06 -1.54
CA LYS A 143 26.03 -0.10 -1.09
C LYS A 143 26.70 -0.57 0.21
N ALA A 144 27.98 -0.22 0.37
CA ALA A 144 28.72 -0.56 1.57
C ALA A 144 28.24 0.27 2.75
N ASP A 145 28.47 -0.23 3.96
CA ASP A 145 28.12 0.50 5.17
C ASP A 145 28.98 1.76 5.29
N THR A 146 30.17 1.70 4.70
CA THR A 146 31.10 2.83 4.67
C THR A 146 30.68 3.90 3.66
N ASP A 147 29.77 3.52 2.75
CA ASP A 147 29.31 4.40 1.67
C ASP A 147 28.47 5.56 2.23
N PRO A 148 28.94 6.81 2.04
CA PRO A 148 28.25 8.00 2.55
C PRO A 148 26.88 8.24 1.92
N THR A 149 26.60 7.59 0.79
CA THR A 149 25.36 7.83 0.06
C THR A 149 24.25 6.80 0.34
N LYS A 150 24.60 5.75 1.10
CA LYS A 150 23.63 4.74 1.53
C LYS A 150 22.63 5.33 2.54
N LEU A 151 21.36 4.95 2.40
CA LEU A 151 20.29 5.47 3.25
C LEU A 151 19.77 4.44 4.25
N LYS A 152 19.45 4.90 5.46
CA LYS A 152 18.82 4.05 6.47
C LYS A 152 17.31 3.99 6.24
N ASP A 153 16.70 5.15 6.01
CA ASP A 153 15.28 5.25 5.70
C ASP A 153 15.02 4.92 4.23
N THR A 154 14.67 3.66 3.99
CA THR A 154 14.63 3.11 2.63
C THR A 154 13.23 2.99 2.01
N GLN A 155 12.20 3.42 2.75
CA GLN A 155 10.83 3.38 2.24
C GLN A 155 10.55 4.44 1.17
N ALA A 156 9.84 4.04 0.13
CA ALA A 156 9.58 4.88 -1.03
C ALA A 156 8.18 4.66 -1.58
N VAL A 157 7.28 5.57 -1.24
CA VAL A 157 5.86 5.43 -1.58
C VAL A 157 5.59 5.76 -3.04
N ALA A 158 4.90 4.86 -3.73
CA ALA A 158 4.41 5.12 -5.08
C ALA A 158 3.13 5.93 -5.00
N LEU A 159 2.14 5.37 -4.30
CA LEU A 159 0.84 6.01 -4.16
C LEU A 159 0.46 6.13 -2.69
N LEU A 160 0.20 7.36 -2.26
CA LEU A 160 -0.32 7.63 -0.93
C LEU A 160 -1.74 8.15 -1.05
N LEU A 161 -2.68 7.40 -0.49
CA LEU A 161 -4.08 7.79 -0.44
C LEU A 161 -4.37 8.41 0.93
N ALA A 162 -4.41 9.74 0.96
CA ALA A 162 -4.56 10.50 2.20
C ALA A 162 -5.97 10.43 2.77
N GLU A 163 -6.19 11.15 3.87
CA GLU A 163 -7.46 11.10 4.61
C GLU A 163 -8.69 11.55 3.82
N ASN A 164 -8.49 12.48 2.89
CA ASN A 164 -9.58 12.98 2.04
C ASN A 164 -9.75 12.23 0.72
N SER A 165 -8.87 11.26 0.47
CA SER A 165 -8.95 10.44 -0.73
C SER A 165 -10.07 9.40 -0.63
N ASP A 166 -11.31 9.90 -0.71
CA ASP A 166 -12.49 9.04 -0.65
C ASP A 166 -12.92 8.65 -2.06
N LYS A 167 -13.53 7.46 -2.16
CA LYS A 167 -13.98 6.92 -3.45
C LYS A 167 -12.85 6.88 -4.50
N ALA A 168 -11.67 6.42 -4.06
CA ALA A 168 -10.51 6.27 -4.93
C ALA A 168 -10.67 5.01 -5.79
N ARG A 169 -10.78 5.20 -7.10
CA ARG A 169 -11.13 4.11 -8.01
C ARG A 169 -9.96 3.79 -8.93
N PHE A 170 -9.58 2.52 -9.01
CA PHE A 170 -8.37 2.13 -9.75
C PHE A 170 -8.56 0.96 -10.72
N LYS A 171 -8.95 1.29 -11.96
CA LYS A 171 -9.16 0.31 -13.02
C LYS A 171 -7.85 0.06 -13.77
N ALA A 172 -7.41 -1.21 -13.77
CA ALA A 172 -6.18 -1.65 -14.46
C ALA A 172 -4.97 -0.72 -14.27
N VAL A 173 -4.35 -0.79 -13.09
CA VAL A 173 -3.24 0.10 -12.75
C VAL A 173 -2.11 -0.71 -12.13
N LYS A 174 -0.87 -0.43 -12.55
CA LYS A 174 0.30 -1.02 -11.91
C LYS A 174 0.88 -0.06 -10.89
N LEU A 175 1.23 -0.59 -9.73
CA LEU A 175 1.93 0.17 -8.70
C LEU A 175 3.27 -0.50 -8.42
N GLU A 176 4.35 0.14 -8.88
CA GLU A 176 5.71 -0.36 -8.69
C GLU A 176 6.37 0.27 -7.48
N GLY A 177 6.99 -0.58 -6.66
CA GLY A 177 7.75 -0.13 -5.50
C GLY A 177 8.54 -1.26 -4.88
N TYR A 178 9.22 -0.96 -3.77
CA TYR A 178 9.96 -1.98 -3.04
C TYR A 178 9.52 -2.01 -1.58
N GLN A 179 9.81 -0.93 -0.86
CA GLN A 179 9.35 -0.79 0.52
C GLN A 179 8.28 0.29 0.58
N ASP A 180 7.16 -0.04 1.24
CA ASP A 180 6.05 0.89 1.47
C ASP A 180 5.44 1.46 0.18
N THR A 181 5.12 0.59 -0.78
CA THR A 181 4.62 1.02 -2.09
C THR A 181 3.29 1.77 -2.01
N LEU A 182 2.31 1.16 -1.36
CA LEU A 182 0.98 1.74 -1.25
C LEU A 182 0.65 2.09 0.20
N TYR A 183 0.25 3.34 0.40
CA TYR A 183 -0.03 3.87 1.73
C TYR A 183 -1.44 4.49 1.77
N SER A 184 -2.27 3.96 2.65
CA SER A 184 -3.62 4.50 2.87
C SER A 184 -3.78 4.96 4.31
N LYS A 185 -4.57 6.01 4.50
CA LYS A 185 -4.80 6.58 5.83
C LYS A 185 -6.28 6.55 6.18
N THR A 186 -6.58 6.56 7.48
CA THR A 186 -7.97 6.58 7.96
C THR A 186 -8.74 7.67 7.21
N GLY A 187 -9.92 7.30 6.71
CA GLY A 187 -10.74 8.22 5.93
C GLY A 187 -10.73 7.84 4.46
N SER A 188 -9.61 7.28 4.01
CA SER A 188 -9.47 6.85 2.62
C SER A 188 -10.26 5.57 2.36
N ARG A 189 -11.10 5.64 1.33
CA ARG A 189 -11.86 4.48 0.88
C ARG A 189 -11.60 4.30 -0.61
N SER A 190 -10.95 3.19 -0.95
CA SER A 190 -10.50 2.94 -2.31
C SER A 190 -10.85 1.56 -2.84
N TYR A 191 -11.02 1.46 -4.16
CA TYR A 191 -11.33 0.21 -4.82
C TYR A 191 -10.38 -0.08 -5.99
N PHE A 192 -9.63 -1.17 -5.85
CA PHE A 192 -8.63 -1.57 -6.83
C PHE A 192 -9.12 -2.79 -7.60
N SER A 193 -9.39 -2.63 -8.88
CA SER A 193 -9.80 -3.76 -9.72
C SER A 193 -8.83 -4.01 -10.87
N ASP A 194 -8.57 -5.29 -11.15
CA ASP A 194 -7.69 -5.73 -12.26
C ASP A 194 -6.36 -4.96 -12.29
N CYS A 195 -5.75 -4.83 -11.12
CA CYS A 195 -4.64 -3.93 -10.88
C CYS A 195 -3.42 -4.74 -10.42
N GLU A 196 -2.24 -4.11 -10.44
CA GLU A 196 -1.02 -4.79 -9.99
C GLU A 196 -0.25 -3.97 -8.96
N ILE A 197 0.19 -4.65 -7.90
CA ILE A 197 0.98 -4.01 -6.85
C ILE A 197 2.20 -4.88 -6.53
N SER A 198 3.37 -4.25 -6.60
CA SER A 198 4.64 -4.94 -6.32
C SER A 198 5.39 -4.28 -5.17
N GLY A 199 6.27 -5.05 -4.54
CA GLY A 199 7.04 -4.61 -3.38
C GLY A 199 7.42 -5.79 -2.52
N HIS A 200 8.13 -5.55 -1.42
CA HIS A 200 8.48 -6.61 -0.49
C HIS A 200 8.18 -6.30 0.95
N VAL A 201 8.73 -5.19 1.46
CA VAL A 201 8.55 -4.82 2.86
C VAL A 201 7.36 -3.87 3.02
N ASP A 202 6.31 -4.37 3.68
CA ASP A 202 5.09 -3.61 3.99
C ASP A 202 4.57 -2.80 2.82
N PHE A 203 4.51 -3.39 1.64
CA PHE A 203 4.23 -2.60 0.43
C PHE A 203 2.77 -2.19 0.22
N ILE A 204 1.86 -2.87 0.93
CA ILE A 204 0.49 -2.38 1.10
C ILE A 204 0.25 -2.18 2.59
N PHE A 205 0.36 -0.94 3.05
CA PHE A 205 0.29 -0.65 4.48
C PHE A 205 -0.57 0.59 4.77
N GLY A 206 -1.13 0.64 5.97
CA GLY A 206 -1.89 1.81 6.40
C GLY A 206 -3.23 1.54 7.05
N SER A 207 -3.99 2.61 7.24
CA SER A 207 -5.19 2.58 8.05
C SER A 207 -6.47 2.40 7.22
N GLY A 208 -6.64 3.26 6.23
CA GLY A 208 -7.90 3.34 5.46
C GLY A 208 -8.40 2.07 4.81
N ILE A 209 -9.67 2.10 4.42
CA ILE A 209 -10.30 0.98 3.72
C ILE A 209 -9.78 0.93 2.28
N THR A 210 -9.09 -0.16 1.95
CA THR A 210 -8.58 -0.38 0.60
C THR A 210 -8.89 -1.80 0.16
N VAL A 211 -9.76 -1.94 -0.83
CA VAL A 211 -10.20 -3.24 -1.31
C VAL A 211 -9.55 -3.57 -2.66
N PHE A 212 -9.18 -4.83 -2.81
CA PHE A 212 -8.56 -5.31 -4.04
C PHE A 212 -9.39 -6.45 -4.63
N ASP A 213 -9.93 -6.23 -5.82
CA ASP A 213 -10.71 -7.24 -6.51
C ASP A 213 -9.97 -7.74 -7.75
N ASN A 214 -9.74 -9.06 -7.79
CA ASN A 214 -9.02 -9.72 -8.87
C ASN A 214 -7.77 -8.95 -9.28
N CYS A 215 -6.92 -8.68 -8.29
CA CYS A 215 -5.68 -7.94 -8.50
C CYS A 215 -4.45 -8.82 -8.28
N ASN A 216 -3.32 -8.40 -8.83
CA ASN A 216 -2.07 -9.15 -8.72
C ASN A 216 -1.10 -8.52 -7.73
N ILE A 217 -0.85 -9.23 -6.64
CA ILE A 217 0.00 -8.71 -5.57
C ILE A 217 1.37 -9.41 -5.62
N VAL A 218 2.35 -8.70 -6.16
CA VAL A 218 3.68 -9.25 -6.43
C VAL A 218 4.66 -9.04 -5.28
N ALA A 219 5.35 -10.11 -4.89
CA ALA A 219 6.39 -10.06 -3.88
C ALA A 219 7.77 -9.99 -4.56
N ARG A 220 8.49 -8.88 -4.33
CA ARG A 220 9.78 -8.65 -4.99
C ARG A 220 10.92 -9.45 -4.36
N ASP A 221 11.90 -9.81 -5.20
CA ASP A 221 13.08 -10.57 -4.78
C ASP A 221 14.11 -9.66 -4.13
N ARG A 222 14.91 -10.22 -3.23
CA ARG A 222 15.97 -9.49 -2.53
C ARG A 222 17.27 -10.28 -2.48
N SER A 223 18.38 -9.60 -2.78
CA SER A 223 19.69 -10.23 -2.75
C SER A 223 20.44 -9.92 -1.45
N ASP A 224 19.82 -9.07 -0.62
CA ASP A 224 20.45 -8.55 0.60
C ASP A 224 20.51 -9.57 1.74
N ILE A 225 19.41 -10.28 1.96
CA ILE A 225 19.16 -10.94 3.23
C ILE A 225 18.80 -12.42 3.06
N GLU A 226 18.79 -13.14 4.18
CA GLU A 226 18.14 -14.44 4.26
C GLU A 226 16.69 -14.21 4.71
N PRO A 227 15.74 -15.06 4.29
CA PRO A 227 14.32 -14.92 4.66
C PRO A 227 14.09 -14.71 6.16
N PRO A 228 13.04 -13.96 6.54
CA PRO A 228 12.00 -13.37 5.67
C PRO A 228 12.52 -12.24 4.77
N TYR A 229 11.98 -12.17 3.57
CA TYR A 229 12.33 -11.14 2.59
C TYR A 229 11.51 -9.87 2.81
N GLY A 230 10.24 -10.05 3.18
CA GLY A 230 9.34 -8.92 3.45
C GLY A 230 7.97 -9.34 3.95
N TYR A 231 7.03 -8.40 3.92
CA TYR A 231 5.66 -8.63 4.40
C TYR A 231 4.70 -7.91 3.48
N ILE A 232 3.67 -8.62 3.02
CA ILE A 232 2.72 -8.07 2.04
C ILE A 232 2.00 -6.82 2.58
N THR A 233 1.31 -6.97 3.71
CA THR A 233 0.55 -5.89 4.30
C THR A 233 1.08 -5.50 5.67
N ALA A 234 0.92 -4.23 6.01
CA ALA A 234 1.14 -3.75 7.37
C ALA A 234 0.01 -2.81 7.76
N PRO A 235 -1.15 -3.36 8.18
CA PRO A 235 -2.32 -2.53 8.42
C PRO A 235 -2.30 -1.81 9.75
N SER A 236 -2.64 -0.52 9.72
CA SER A 236 -2.79 0.28 10.93
C SER A 236 -4.24 0.73 11.08
N THR A 237 -5.15 -0.11 10.58
CA THR A 237 -6.58 0.14 10.65
C THR A 237 -6.99 0.46 12.09
N LEU A 238 -7.62 1.63 12.26
CA LEU A 238 -8.06 2.07 13.57
C LEU A 238 -9.15 1.16 14.13
N THR A 239 -9.13 1.00 15.45
CA THR A 239 -10.08 0.15 16.15
C THR A 239 -11.55 0.55 15.89
N THR A 240 -11.78 1.85 15.70
CA THR A 240 -13.12 2.38 15.43
C THR A 240 -13.60 2.09 14.00
N SER A 241 -12.69 2.06 13.04
CA SER A 241 -13.03 1.75 11.65
C SER A 241 -13.06 0.24 11.41
N PRO A 242 -14.18 -0.27 10.84
CA PRO A 242 -14.43 -1.72 10.74
C PRO A 242 -13.71 -2.42 9.59
N TYR A 243 -13.36 -1.67 8.55
CA TYR A 243 -12.68 -2.23 7.38
C TYR A 243 -11.29 -1.65 7.19
N GLY A 244 -10.40 -2.46 6.61
CA GLY A 244 -9.03 -2.06 6.34
C GLY A 244 -8.57 -2.52 4.97
N LEU A 245 -7.67 -3.49 4.94
CA LEU A 245 -7.10 -3.99 3.68
C LEU A 245 -7.74 -5.32 3.30
N ILE A 246 -8.56 -5.30 2.25
CA ILE A 246 -9.34 -6.45 1.84
C ILE A 246 -8.93 -6.92 0.46
N PHE A 247 -8.77 -8.23 0.30
CA PHE A 247 -8.36 -8.83 -0.97
C PHE A 247 -9.37 -9.88 -1.42
N ILE A 248 -10.08 -9.57 -2.51
CA ILE A 248 -11.13 -10.43 -3.05
C ILE A 248 -10.71 -11.00 -4.41
N ASN A 249 -10.73 -12.33 -4.52
CA ASN A 249 -10.44 -13.05 -5.77
C ASN A 249 -9.09 -12.75 -6.41
N SER A 250 -8.13 -12.35 -5.58
CA SER A 250 -6.84 -11.86 -6.07
C SER A 250 -5.72 -12.91 -6.04
N ARG A 251 -4.56 -12.54 -6.57
CA ARG A 251 -3.41 -13.44 -6.63
C ARG A 251 -2.24 -12.89 -5.83
N LEU A 252 -1.67 -13.72 -4.98
CA LEU A 252 -0.44 -13.36 -4.28
C LEU A 252 0.73 -14.08 -4.94
N THR A 253 1.35 -13.41 -5.91
CA THR A 253 2.45 -13.97 -6.67
C THR A 253 3.81 -13.51 -6.13
N LYS A 254 4.86 -14.21 -6.57
CA LYS A 254 6.24 -13.86 -6.20
C LYS A 254 7.11 -13.70 -7.43
N GLU A 255 8.22 -12.99 -7.28
CA GLU A 255 9.18 -12.78 -8.36
C GLU A 255 10.06 -14.03 -8.48
N PRO A 256 10.58 -14.32 -9.69
CA PRO A 256 11.43 -15.48 -10.02
C PRO A 256 12.45 -15.93 -8.96
N GLY A 257 13.08 -14.98 -8.26
CA GLY A 257 14.11 -15.32 -7.28
C GLY A 257 13.63 -15.64 -5.87
N VAL A 258 12.36 -15.35 -5.59
CA VAL A 258 11.79 -15.44 -4.25
C VAL A 258 11.66 -16.89 -3.76
N PRO A 259 12.25 -17.21 -2.60
CA PRO A 259 12.15 -18.55 -2.01
C PRO A 259 10.80 -18.77 -1.33
N ALA A 260 10.51 -20.02 -0.99
CA ALA A 260 9.28 -20.35 -0.26
C ALA A 260 9.43 -19.98 1.21
N ASN A 261 8.29 -19.68 1.85
CA ASN A 261 8.26 -19.25 3.25
C ASN A 261 9.22 -18.09 3.51
N SER A 262 8.96 -16.97 2.84
CA SER A 262 9.81 -15.79 2.94
C SER A 262 8.99 -14.51 3.11
N PHE A 263 7.67 -14.65 3.02
CA PHE A 263 6.78 -13.50 3.12
C PHE A 263 5.61 -13.75 4.06
N ALA A 264 5.31 -12.75 4.89
CA ALA A 264 4.12 -12.78 5.72
C ALA A 264 2.99 -12.10 4.97
N LEU A 265 1.78 -12.59 5.18
CA LEU A 265 0.58 -11.98 4.63
C LEU A 265 0.39 -10.58 5.20
N GLY A 266 0.70 -10.44 6.49
CA GLY A 266 0.52 -9.20 7.21
C GLY A 266 1.37 -9.08 8.46
N ARG A 267 1.42 -7.85 8.98
CA ARG A 267 2.23 -7.52 10.14
C ARG A 267 1.58 -6.29 10.78
N PRO A 268 1.15 -6.40 12.05
CA PRO A 268 0.32 -5.37 12.71
C PRO A 268 1.04 -4.04 12.99
N TRP A 269 0.73 -3.02 12.19
CA TRP A 269 1.37 -1.72 12.34
C TRP A 269 0.68 -0.86 13.36
N HIS A 270 1.43 -0.53 14.42
CA HIS A 270 0.96 0.42 15.43
C HIS A 270 1.82 1.65 15.36
N PRO A 271 1.39 2.65 14.56
CA PRO A 271 2.21 3.85 14.32
C PRO A 271 2.57 4.56 15.61
N THR A 272 3.80 5.05 15.68
CA THR A 272 4.23 5.88 16.79
C THR A 272 3.50 7.22 16.68
N THR A 273 2.61 7.47 17.64
CA THR A 273 1.78 8.67 17.61
C THR A 273 2.02 9.52 18.86
N THR A 274 2.17 10.83 18.64
CA THR A 274 2.33 11.79 19.72
C THR A 274 0.96 12.13 20.29
N PHE A 275 0.66 11.60 21.46
CA PHE A 275 -0.63 11.82 22.12
C PHE A 275 -0.56 12.94 23.14
N ALA A 276 -1.59 13.05 23.96
CA ALA A 276 -1.65 14.05 25.02
C ALA A 276 -0.64 13.75 26.13
N ASP A 277 -0.40 12.47 26.41
CA ASP A 277 0.44 12.06 27.54
C ASP A 277 1.82 11.54 27.12
N GLY A 278 2.07 11.45 25.83
CA GLY A 278 3.35 10.96 25.33
C GLY A 278 3.31 10.41 23.92
N ARG A 279 4.48 10.05 23.39
CA ARG A 279 4.59 9.49 22.06
C ARG A 279 4.98 8.02 22.09
N TYR A 280 4.07 7.18 21.59
CA TYR A 280 4.26 5.73 21.62
C TYR A 280 3.40 5.06 20.55
N ALA A 281 3.65 3.77 20.31
CA ALA A 281 2.88 2.98 19.37
C ALA A 281 1.39 3.03 19.75
N ASP A 282 0.58 3.59 18.86
CA ASP A 282 -0.85 3.77 19.09
C ASP A 282 -1.55 2.44 19.31
N PRO A 283 -2.06 2.21 20.53
CA PRO A 283 -2.70 0.92 20.87
C PRO A 283 -4.04 0.75 20.17
N ALA A 284 -4.70 1.85 19.83
CA ALA A 284 -6.00 1.84 19.15
C ALA A 284 -5.88 1.57 17.65
N ALA A 285 -4.68 1.18 17.22
CA ALA A 285 -4.41 0.85 15.82
C ALA A 285 -4.22 -0.64 15.63
N ILE A 286 -5.31 -1.39 15.71
CA ILE A 286 -5.30 -2.83 15.50
C ILE A 286 -5.72 -3.13 14.06
N GLY A 287 -4.74 -3.24 13.18
CA GLY A 287 -4.96 -3.36 11.73
C GLY A 287 -5.75 -4.57 11.28
N GLN A 288 -6.44 -4.41 10.15
CA GLN A 288 -7.24 -5.48 9.57
C GLN A 288 -6.85 -5.75 8.13
N SER A 289 -6.30 -6.94 7.88
CA SER A 289 -6.06 -7.40 6.51
C SER A 289 -6.73 -8.75 6.29
N VAL A 290 -7.63 -8.78 5.30
CA VAL A 290 -8.44 -9.95 5.02
C VAL A 290 -8.24 -10.43 3.59
N PHE A 291 -8.08 -11.75 3.43
CA PHE A 291 -7.90 -12.36 2.12
C PHE A 291 -9.02 -13.36 1.82
N ILE A 292 -9.74 -13.13 0.73
CA ILE A 292 -10.89 -13.96 0.34
C ILE A 292 -10.68 -14.53 -1.05
N ASN A 293 -10.91 -15.85 -1.19
CA ASN A 293 -10.78 -16.57 -2.46
C ASN A 293 -9.52 -16.20 -3.22
N THR A 294 -8.42 -16.09 -2.48
CA THR A 294 -7.17 -15.58 -3.02
C THR A 294 -6.14 -16.70 -3.13
N THR A 295 -5.63 -16.90 -4.34
CA THR A 295 -4.61 -17.92 -4.59
C THR A 295 -3.23 -17.38 -4.22
N MET A 296 -2.48 -18.17 -3.44
CA MET A 296 -1.20 -17.75 -2.87
C MET A 296 -0.07 -18.68 -3.24
N ASP A 297 0.99 -18.13 -3.81
CA ASP A 297 2.20 -18.89 -4.12
C ASP A 297 2.95 -19.29 -2.84
N ASP A 298 3.88 -20.24 -2.97
CA ASP A 298 4.51 -20.90 -1.81
C ASP A 298 5.37 -20.00 -0.90
N HIS A 299 5.54 -18.74 -1.29
CA HIS A 299 6.37 -17.80 -0.52
C HIS A 299 5.74 -17.35 0.77
N ILE A 300 4.41 -17.44 0.85
CA ILE A 300 3.70 -17.10 2.08
C ILE A 300 3.94 -18.15 3.17
N TYR A 301 4.38 -17.69 4.34
CA TYR A 301 4.51 -18.56 5.50
C TYR A 301 3.40 -18.31 6.53
N GLY A 302 2.65 -17.23 6.35
CA GLY A 302 1.55 -16.90 7.25
C GLY A 302 1.63 -15.45 7.70
N TRP A 303 1.33 -15.20 8.97
CA TRP A 303 1.38 -13.85 9.53
C TRP A 303 2.60 -13.70 10.39
N ASP A 304 3.01 -12.46 10.62
CA ASP A 304 4.16 -12.18 11.48
C ASP A 304 3.87 -11.01 12.42
N LYS A 305 4.72 -10.86 13.44
CA LYS A 305 4.52 -9.82 14.45
C LYS A 305 5.35 -8.54 14.17
N MET A 306 4.93 -7.45 14.80
CA MET A 306 5.59 -6.14 14.63
C MET A 306 6.16 -5.63 15.94
N SER A 307 7.37 -5.08 15.87
CA SER A 307 7.98 -4.40 17.00
C SER A 307 7.57 -2.94 17.00
N GLY A 308 7.18 -2.43 18.16
CA GLY A 308 6.82 -1.03 18.34
C GLY A 308 7.52 -0.44 19.55
N LYS A 309 7.18 0.80 19.90
CA LYS A 309 7.81 1.47 21.04
C LYS A 309 6.86 1.69 22.21
N ASP A 310 7.36 1.39 23.40
CA ASP A 310 6.64 1.49 24.66
C ASP A 310 6.36 2.95 25.05
N LYS A 311 5.53 3.14 26.07
CA LYS A 311 5.32 4.45 26.67
C LYS A 311 6.61 4.93 27.36
N GLN A 312 7.47 3.98 27.72
CA GLN A 312 8.81 4.27 28.25
C GLN A 312 9.86 4.25 27.15
N GLY A 313 9.41 4.02 25.91
CA GLY A 313 10.28 4.03 24.74
C GLY A 313 11.16 2.79 24.62
N GLU A 314 10.54 1.62 24.66
CA GLU A 314 11.26 0.34 24.53
C GLU A 314 10.53 -0.60 23.57
N LYS A 315 11.26 -1.58 23.03
CA LYS A 315 10.70 -2.51 22.04
C LYS A 315 9.56 -3.34 22.61
N ILE A 316 8.35 -3.10 22.10
CA ILE A 316 7.17 -3.89 22.47
C ILE A 316 6.68 -4.65 21.22
N TRP A 317 6.20 -5.87 21.42
CA TRP A 317 5.75 -6.70 20.30
C TRP A 317 4.26 -6.81 20.18
N PHE A 318 3.74 -6.50 19.01
CA PHE A 318 2.33 -6.69 18.70
C PHE A 318 2.15 -7.94 17.86
N TYR A 319 1.34 -8.88 18.36
CA TYR A 319 1.22 -10.20 17.75
C TYR A 319 0.00 -10.36 16.86
N PRO A 320 0.11 -11.14 15.77
CA PRO A 320 -0.99 -11.35 14.83
C PRO A 320 -2.26 -11.94 15.47
N GLN A 321 -2.10 -12.73 16.52
CA GLN A 321 -3.25 -13.33 17.22
C GLN A 321 -4.21 -12.27 17.72
N ASP A 322 -3.66 -11.15 18.19
CA ASP A 322 -4.45 -10.05 18.73
C ASP A 322 -4.93 -9.12 17.63
N SER A 323 -4.51 -9.40 16.38
CA SER A 323 -4.81 -8.52 15.26
C SER A 323 -5.90 -9.10 14.36
N ARG A 324 -6.60 -8.22 13.66
CA ARG A 324 -7.70 -8.60 12.77
C ARG A 324 -7.20 -9.19 11.45
N PHE A 325 -6.54 -10.34 11.54
CA PHE A 325 -6.00 -11.01 10.37
C PHE A 325 -6.83 -12.24 10.05
N PHE A 326 -7.47 -12.25 8.88
CA PHE A 326 -8.37 -13.33 8.52
C PHE A 326 -8.19 -13.84 7.09
N GLU A 327 -8.49 -15.12 6.90
CA GLU A 327 -8.53 -15.73 5.59
C GLU A 327 -9.89 -16.37 5.35
N ALA A 328 -10.22 -16.59 4.08
CA ALA A 328 -11.44 -17.26 3.69
C ALA A 328 -11.23 -17.99 2.36
N ASN A 329 -11.39 -19.31 2.40
CA ASN A 329 -11.23 -20.17 1.21
C ASN A 329 -10.12 -19.77 0.25
N SER A 330 -8.96 -19.46 0.82
CA SER A 330 -7.79 -19.08 0.02
C SER A 330 -7.12 -20.32 -0.56
N GLN A 331 -6.69 -20.21 -1.81
CA GLN A 331 -6.11 -21.34 -2.53
C GLN A 331 -4.62 -21.14 -2.80
N GLY A 332 -4.04 -22.03 -3.60
CA GLY A 332 -2.61 -21.96 -3.92
C GLY A 332 -1.74 -22.69 -2.92
N PRO A 333 -0.47 -22.98 -3.28
CA PRO A 333 0.44 -23.72 -2.40
C PRO A 333 0.75 -22.98 -1.09
N GLY A 334 0.66 -21.66 -1.10
CA GLY A 334 0.92 -20.84 0.08
C GLY A 334 -0.28 -20.63 0.98
N ALA A 335 -1.25 -21.54 0.90
CA ALA A 335 -2.44 -21.48 1.76
C ALA A 335 -2.41 -22.62 2.76
N ALA A 336 -2.61 -22.29 4.04
CA ALA A 336 -2.62 -23.30 5.10
C ALA A 336 -3.65 -22.96 6.16
N ILE A 337 -4.04 -23.97 6.94
CA ILE A 337 -4.88 -23.76 8.13
C ILE A 337 -4.19 -24.38 9.35
N ASN A 338 -4.05 -23.58 10.40
CA ASN A 338 -3.42 -24.00 11.66
C ASN A 338 -3.76 -22.99 12.75
N GLU A 339 -3.22 -23.22 13.94
CA GLU A 339 -3.46 -22.31 15.08
C GLU A 339 -3.20 -20.84 14.72
N GLY A 340 -2.31 -20.61 13.75
CA GLY A 340 -1.93 -19.26 13.36
C GLY A 340 -2.46 -18.74 12.03
N ARG A 341 -3.54 -19.34 11.55
CA ARG A 341 -4.23 -18.86 10.33
C ARG A 341 -5.73 -18.79 10.57
N ARG A 342 -6.14 -17.86 11.43
CA ARG A 342 -7.56 -17.68 11.79
C ARG A 342 -8.41 -17.46 10.54
N GLN A 343 -9.51 -18.22 10.43
CA GLN A 343 -10.32 -18.19 9.21
C GLN A 343 -11.77 -17.80 9.44
N LEU A 344 -12.30 -16.95 8.54
CA LEU A 344 -13.66 -16.44 8.63
C LEU A 344 -14.72 -17.53 8.55
N SER A 345 -15.76 -17.38 9.37
CA SER A 345 -16.93 -18.25 9.29
C SER A 345 -17.83 -17.77 8.16
N ALA A 346 -18.73 -18.64 7.72
CA ALA A 346 -19.68 -18.33 6.65
C ALA A 346 -20.46 -17.05 6.92
N GLU A 347 -20.85 -16.87 8.18
CA GLU A 347 -21.57 -15.68 8.61
C GLU A 347 -20.69 -14.43 8.55
N GLN A 348 -19.44 -14.59 8.99
CA GLN A 348 -18.47 -13.49 8.99
C GLN A 348 -18.18 -13.00 7.57
N LEU A 349 -18.05 -13.94 6.64
CA LEU A 349 -17.77 -13.64 5.23
C LEU A 349 -18.83 -12.74 4.61
N LYS A 350 -20.07 -12.86 5.11
CA LYS A 350 -21.21 -12.08 4.61
C LYS A 350 -20.99 -10.57 4.76
N ALA A 351 -20.20 -10.18 5.75
CA ALA A 351 -19.89 -8.78 6.03
C ALA A 351 -18.97 -8.16 4.98
N PHE A 352 -18.19 -8.99 4.30
CA PHE A 352 -17.24 -8.54 3.31
C PHE A 352 -17.76 -8.60 1.88
N THR A 353 -19.08 -8.62 1.72
CA THR A 353 -19.68 -8.43 0.40
C THR A 353 -19.47 -6.99 0.01
N LEU A 354 -19.22 -6.76 -1.27
CA LEU A 354 -18.89 -5.43 -1.78
C LEU A 354 -19.94 -4.33 -1.50
N PRO A 355 -21.24 -4.68 -1.55
CA PRO A 355 -22.24 -3.68 -1.15
C PRO A 355 -22.20 -3.33 0.35
N MET A 356 -21.89 -4.31 1.19
CA MET A 356 -21.80 -4.10 2.64
C MET A 356 -20.62 -3.21 3.01
N ILE A 357 -19.47 -3.47 2.39
CA ILE A 357 -18.24 -2.74 2.66
C ILE A 357 -18.29 -1.32 2.08
N PHE A 358 -18.97 -1.16 0.94
CA PHE A 358 -19.21 0.17 0.37
C PHE A 358 -20.71 0.37 0.13
N PRO A 359 -21.47 0.76 1.18
CA PRO A 359 -22.91 0.96 1.02
C PRO A 359 -23.29 2.14 0.14
N ASP A 360 -22.67 3.30 0.38
CA ASP A 360 -23.03 4.54 -0.31
C ASP A 360 -22.29 4.75 -1.63
N TRP A 361 -21.59 3.72 -2.10
CA TRP A 361 -20.78 3.84 -3.30
C TRP A 361 -21.16 2.82 -4.35
N ALA A 362 -21.41 3.31 -5.56
CA ALA A 362 -21.90 2.49 -6.68
C ALA A 362 -20.94 1.38 -7.08
N VAL A 363 -19.64 1.70 -7.10
CA VAL A 363 -18.56 0.76 -7.41
C VAL A 363 -18.84 -0.15 -8.62
#